data_2B20
#
_entry.id   2B20
#
_cell.length_a   66.173
_cell.length_b   66.173
_cell.length_c   252.125
_cell.angle_alpha   90.00
_cell.angle_beta   90.00
_cell.angle_gamma   90.00
#
_symmetry.space_group_name_H-M   'P 43 21 2'
#
loop_
_entity.id
_entity.type
_entity.pdbx_description
1 polymer 'enterochelin esterase'
2 non-polymer 'L(+)-TARTARIC ACID'
3 water water
#
_entity_poly.entity_id   1
_entity_poly.type   'polypeptide(L)'
_entity_poly.pdbx_seq_one_letter_code
;SNA(MSE)TALKVGSESWWQSKHGPEWQRLNDE(MSE)FEVTFWWRDPQGSEEYSTIKRVWVYITGVTDHHQNSQPQS
(MSE)QRIAGTDVWQWTTQLNANWRGSYCFIPTERDDIFSAPSPDRLELREGWRKLLPQAIADPLNPQSWKGGLGHAVSA
LE(MSE)PQAPLQPGWDCPQAPEIPAKEIIWKSERLKNSRRVWIFTTGDVTAEERPLAVLLDGEFWAQS(MSE)PVWPVL
TSLTHRQQLPPAVYVLIDAIDTTHRAHELPCNADFWLAVQQELLPLVKVIAPFSDRADRTVVAGQSFGGLSALYAGLHWP
ERFGCVLSQSGSYWWPHRGGQQEGVLLEKLKAGEVSAEGLRIVLEAGIREP(MSE)I(MSE)RANQALYAQLHPIKESIF
WRQVDGGHDALCWRGGL(MSE)QGLIDLWQPLFHDRS
;
_entity_poly.pdbx_strand_id   A
#
loop_
_chem_comp.id
_chem_comp.type
_chem_comp.name
_chem_comp.formula
TLA non-polymer 'L(+)-TARTARIC ACID' 'C4 H6 O6'
#
# COMPACT_ATOMS: atom_id res chain seq x y z
N ALA A 6 -35.97 -12.50 9.40
CA ALA A 6 -35.82 -13.82 8.73
C ALA A 6 -34.39 -14.03 8.11
N LEU A 7 -34.22 -15.16 7.41
CA LEU A 7 -32.99 -15.52 6.64
C LEU A 7 -33.39 -16.14 5.27
N LYS A 8 -34.40 -15.54 4.63
CA LYS A 8 -34.79 -15.87 3.26
C LYS A 8 -33.69 -15.29 2.40
N VAL A 9 -33.00 -16.12 1.65
CA VAL A 9 -31.91 -15.64 0.81
C VAL A 9 -32.37 -14.44 0.01
N GLY A 10 -31.62 -13.35 0.09
CA GLY A 10 -31.89 -12.20 -0.78
C GLY A 10 -32.85 -11.18 -0.25
N SER A 11 -33.47 -11.50 0.88
CA SER A 11 -34.32 -10.58 1.60
C SER A 11 -33.45 -9.53 2.29
N GLU A 12 -34.06 -8.41 2.62
CA GLU A 12 -33.35 -7.30 3.27
C GLU A 12 -32.74 -7.72 4.60
N SER A 13 -33.51 -8.47 5.40
CA SER A 13 -32.97 -8.93 6.68
C SER A 13 -31.74 -9.82 6.48
N TRP A 14 -31.74 -10.61 5.39
CA TRP A 14 -30.64 -11.51 5.02
C TRP A 14 -29.39 -10.72 4.60
N TRP A 15 -29.56 -9.69 3.78
CA TRP A 15 -28.45 -8.84 3.40
C TRP A 15 -27.82 -8.13 4.58
N GLN A 16 -28.62 -7.71 5.54
CA GLN A 16 -28.12 -7.09 6.76
C GLN A 16 -27.16 -7.95 7.56
N SER A 17 -27.32 -9.27 7.47
CA SER A 17 -26.40 -10.12 8.18
C SER A 17 -25.14 -10.39 7.36
N LYS A 18 -25.11 -9.93 6.12
CA LYS A 18 -23.90 -10.09 5.31
C LYS A 18 -22.99 -8.88 5.55
N HIS A 19 -21.70 -9.18 5.79
CA HIS A 19 -20.70 -8.17 6.13
C HIS A 19 -19.40 -8.40 5.39
N GLY A 20 -19.50 -8.77 4.12
CA GLY A 20 -18.33 -9.09 3.30
C GLY A 20 -18.25 -10.58 3.02
N PRO A 21 -17.06 -11.07 2.63
CA PRO A 21 -16.93 -12.48 2.31
C PRO A 21 -16.93 -13.39 3.55
N GLU A 22 -17.61 -14.51 3.47
CA GLU A 22 -17.50 -15.54 4.49
C GLU A 22 -16.63 -16.71 4.01
N TRP A 23 -16.20 -17.56 4.92
CA TRP A 23 -15.28 -18.63 4.55
C TRP A 23 -15.28 -19.85 5.48
N GLN A 24 -15.21 -21.04 4.88
CA GLN A 24 -15.10 -22.28 5.63
C GLN A 24 -13.81 -23.01 5.28
N ARG A 25 -13.13 -23.48 6.32
CA ARG A 25 -11.84 -24.13 6.15
C ARG A 25 -12.03 -25.40 5.36
N LEU A 26 -11.10 -25.69 4.46
CA LEU A 26 -11.11 -26.97 3.77
C LEU A 26 -10.27 -27.98 4.52
N ASN A 27 -9.08 -27.54 4.90
CA ASN A 27 -8.06 -28.39 5.49
C ASN A 27 -7.02 -27.47 6.12
N ASP A 28 -5.85 -28.02 6.43
CA ASP A 28 -4.86 -27.23 7.14
C ASP A 28 -4.38 -26.03 6.34
N GLU A 29 -4.25 -26.19 5.03
CA GLU A 29 -3.67 -25.13 4.20
C GLU A 29 -4.68 -24.29 3.38
N MSE A 30 -5.94 -24.75 3.29
CA MSE A 30 -6.85 -24.10 2.36
C MSE A 30 -8.22 -23.78 2.93
O MSE A 30 -8.77 -24.53 3.75
CB MSE A 30 -7.03 -24.97 1.12
CG MSE A 30 -7.22 -24.16 -0.15
SE MSE A 30 -5.50 -23.40 -0.59
CE MSE A 30 -5.77 -22.85 -2.55
N PHE A 31 -8.76 -22.65 2.46
CA PHE A 31 -10.06 -22.14 2.89
C PHE A 31 -10.90 -21.90 1.68
N GLU A 32 -12.19 -22.15 1.81
CA GLU A 32 -13.11 -21.83 0.76
C GLU A 32 -13.74 -20.49 1.13
N VAL A 33 -13.60 -19.50 0.25
CA VAL A 33 -14.06 -18.15 0.53
C VAL A 33 -15.19 -17.81 -0.45
N THR A 34 -16.34 -17.37 0.06
CA THR A 34 -17.47 -16.95 -0.78
C THR A 34 -17.72 -15.44 -0.68
N PHE A 35 -18.05 -14.82 -1.81
CA PHE A 35 -18.27 -13.38 -1.88
C PHE A 35 -19.66 -13.15 -2.38
N TRP A 36 -20.32 -12.12 -1.87
CA TRP A 36 -21.63 -11.73 -2.38
C TRP A 36 -21.68 -10.28 -2.82
N TRP A 37 -22.54 -10.02 -3.80
CA TRP A 37 -22.83 -8.68 -4.20
C TRP A 37 -24.31 -8.58 -4.46
N ARG A 38 -24.90 -7.53 -3.90
CA ARG A 38 -26.30 -7.20 -4.10
C ARG A 38 -26.44 -6.20 -5.24
N ASP A 39 -27.31 -6.52 -6.19
CA ASP A 39 -27.53 -5.66 -7.32
C ASP A 39 -28.56 -4.62 -6.96
N PRO A 40 -28.17 -3.35 -6.97
CA PRO A 40 -29.15 -2.33 -6.63
C PRO A 40 -30.14 -2.12 -7.79
N GLN A 41 -30.57 -3.20 -8.43
CA GLN A 41 -31.52 -3.10 -9.53
C GLN A 41 -32.48 -4.26 -9.47
N GLY A 42 -32.24 -5.19 -8.54
CA GLY A 42 -33.13 -6.33 -8.34
C GLY A 42 -32.71 -7.56 -9.14
N SER A 43 -33.67 -8.44 -9.41
CA SER A 43 -33.45 -9.68 -10.17
C SER A 43 -32.99 -9.44 -11.61
N GLU A 44 -32.56 -10.52 -12.24
CA GLU A 44 -32.03 -10.48 -13.59
C GLU A 44 -32.99 -9.75 -14.54
N GLU A 45 -34.27 -9.78 -14.21
CA GLU A 45 -35.32 -9.16 -15.01
C GLU A 45 -35.24 -7.66 -15.02
N TYR A 46 -35.09 -7.07 -13.84
CA TYR A 46 -35.03 -5.64 -13.72
C TYR A 46 -33.61 -5.09 -13.90
N SER A 47 -32.60 -5.93 -13.66
CA SER A 47 -31.23 -5.41 -13.75
C SER A 47 -30.72 -5.39 -15.18
N THR A 48 -29.58 -4.76 -15.37
CA THR A 48 -29.05 -4.49 -16.68
C THR A 48 -27.57 -4.91 -16.69
N ILE A 49 -27.12 -5.43 -15.55
CA ILE A 49 -25.79 -5.98 -15.37
C ILE A 49 -25.75 -7.40 -15.92
N LYS A 50 -24.68 -7.73 -16.63
CA LYS A 50 -24.54 -9.07 -17.17
C LYS A 50 -23.37 -9.85 -16.58
N ARG A 51 -22.28 -9.16 -16.23
CA ARG A 51 -21.17 -9.78 -15.53
C ARG A 51 -20.85 -9.00 -14.26
N VAL A 52 -20.50 -9.72 -13.20
CA VAL A 52 -19.79 -9.09 -12.06
C VAL A 52 -18.49 -9.83 -11.90
N TRP A 53 -17.38 -9.16 -12.16
CA TRP A 53 -16.07 -9.80 -12.09
C TRP A 53 -15.50 -9.63 -10.71
N VAL A 54 -14.73 -10.60 -10.24
CA VAL A 54 -14.09 -10.42 -8.97
C VAL A 54 -12.62 -10.32 -9.20
N TYR A 55 -12.04 -9.22 -8.77
CA TYR A 55 -10.63 -9.00 -8.99
C TYR A 55 -9.90 -9.01 -7.66
N ILE A 56 -8.98 -9.95 -7.48
CA ILE A 56 -8.27 -10.09 -6.20
C ILE A 56 -6.82 -9.75 -6.38
N THR A 57 -6.39 -8.71 -5.69
CA THR A 57 -5.10 -8.05 -5.93
C THR A 57 -3.88 -8.97 -6.17
N GLY A 58 -3.54 -9.81 -5.22
CA GLY A 58 -2.39 -10.69 -5.43
C GLY A 58 -2.65 -11.75 -6.49
N VAL A 59 -3.90 -12.19 -6.59
CA VAL A 59 -4.24 -13.43 -7.24
C VAL A 59 -4.67 -13.25 -8.67
N THR A 60 -5.81 -12.59 -8.88
CA THR A 60 -6.52 -12.69 -10.15
C THR A 60 -5.62 -12.44 -11.36
N ASP A 61 -4.66 -11.52 -11.20
CA ASP A 61 -3.72 -11.21 -12.30
C ASP A 61 -2.53 -12.22 -12.52
N HIS A 62 -2.71 -13.48 -12.13
N HIS A 62 -2.70 -13.48 -12.13
CA HIS A 62 -1.69 -14.53 -12.35
CA HIS A 62 -1.68 -14.52 -12.36
C HIS A 62 -2.26 -15.78 -13.03
C HIS A 62 -2.25 -15.84 -12.91
N HIS A 63 -3.58 -15.97 -12.91
CA HIS A 63 -4.28 -17.25 -13.25
C HIS A 63 -4.08 -18.00 -14.60
N GLN A 64 -4.85 -17.61 -15.63
CA GLN A 64 -4.89 -18.29 -16.96
C GLN A 64 -6.03 -19.30 -17.08
N GLN A 67 -7.84 -16.98 -17.50
CA GLN A 67 -9.28 -17.17 -17.73
C GLN A 67 -10.12 -16.95 -16.44
N PRO A 68 -10.72 -15.73 -16.29
CA PRO A 68 -11.50 -15.34 -15.11
C PRO A 68 -13.02 -15.62 -15.15
N GLN A 69 -13.55 -15.92 -13.97
N GLN A 69 -13.56 -16.04 -14.01
CA GLN A 69 -14.94 -16.28 -13.73
CA GLN A 69 -15.01 -16.32 -13.88
C GLN A 69 -15.72 -15.04 -13.31
C GLN A 69 -15.74 -15.11 -13.29
N SER A 70 -16.94 -14.91 -13.79
CA SER A 70 -17.83 -13.85 -13.33
C SER A 70 -18.53 -14.38 -12.09
N MSE A 71 -19.20 -13.51 -11.36
CA MSE A 71 -20.13 -13.93 -10.33
C MSE A 71 -21.36 -14.48 -11.03
O MSE A 71 -21.57 -14.26 -12.21
CB MSE A 71 -20.51 -12.78 -9.45
CG MSE A 71 -19.39 -12.26 -8.60
SE MSE A 71 -20.03 -10.91 -7.35
CE MSE A 71 -20.00 -11.91 -5.69
N GLN A 72 -22.19 -15.18 -10.27
CA GLN A 72 -23.31 -15.92 -10.83
C GLN A 72 -24.57 -15.50 -10.07
N ARG A 73 -25.62 -15.12 -10.78
CA ARG A 73 -26.80 -14.64 -10.11
C ARG A 73 -27.72 -15.75 -9.67
N ILE A 74 -28.22 -15.65 -8.46
CA ILE A 74 -29.29 -16.54 -8.04
C ILE A 74 -30.54 -15.96 -8.64
N ALA A 75 -31.15 -16.75 -9.52
CA ALA A 75 -32.36 -16.39 -10.27
C ALA A 75 -33.48 -15.86 -9.39
N GLY A 76 -34.07 -14.75 -9.81
CA GLY A 76 -35.19 -14.16 -9.07
C GLY A 76 -34.80 -13.39 -7.81
N THR A 77 -33.51 -13.23 -7.56
CA THR A 77 -33.03 -12.41 -6.44
C THR A 77 -32.07 -11.37 -6.98
N ASP A 78 -31.57 -10.54 -6.08
CA ASP A 78 -30.63 -9.48 -6.40
C ASP A 78 -29.24 -9.92 -5.98
N VAL A 79 -29.08 -11.24 -5.80
CA VAL A 79 -27.88 -11.82 -5.21
C VAL A 79 -26.88 -12.37 -6.22
N TRP A 80 -25.64 -11.90 -6.14
CA TRP A 80 -24.56 -12.39 -6.99
C TRP A 80 -23.55 -13.05 -6.12
N GLN A 81 -23.19 -14.26 -6.51
CA GLN A 81 -22.36 -15.12 -5.70
C GLN A 81 -21.06 -15.52 -6.42
N TRP A 82 -19.99 -15.77 -5.67
CA TRP A 82 -18.75 -16.26 -6.25
C TRP A 82 -17.87 -16.85 -5.18
N THR A 83 -17.21 -17.95 -5.52
CA THR A 83 -16.48 -18.74 -4.55
C THR A 83 -15.08 -19.03 -5.05
N THR A 84 -14.15 -19.18 -4.14
CA THR A 84 -12.80 -19.58 -4.47
C THR A 84 -12.08 -20.12 -3.24
N GLN A 85 -10.77 -20.34 -3.38
CA GLN A 85 -9.98 -20.84 -2.28
C GLN A 85 -8.75 -20.01 -2.06
N LEU A 86 -8.37 -19.85 -0.79
CA LEU A 86 -7.16 -19.14 -0.47
C LEU A 86 -6.47 -19.82 0.71
N ASN A 87 -5.17 -19.59 0.78
CA ASN A 87 -4.31 -20.23 1.74
C ASN A 87 -4.48 -19.61 3.10
N ALA A 88 -4.52 -20.44 4.14
CA ALA A 88 -4.90 -19.99 5.48
C ALA A 88 -4.15 -18.77 6.03
N ASN A 89 -3.08 -18.39 5.34
CA ASN A 89 -2.22 -17.33 5.79
C ASN A 89 -2.24 -16.12 4.84
N TRP A 90 -3.06 -16.22 3.79
CA TRP A 90 -3.20 -15.15 2.82
C TRP A 90 -3.92 -13.95 3.41
N ARG A 91 -3.45 -12.77 3.02
CA ARG A 91 -4.16 -11.51 3.24
C ARG A 91 -3.98 -10.63 2.01
N GLY A 92 -5.01 -9.85 1.69
CA GLY A 92 -4.94 -8.91 0.59
C GLY A 92 -6.27 -8.24 0.38
N SER A 93 -6.49 -7.75 -0.84
CA SER A 93 -7.66 -6.97 -1.12
C SER A 93 -8.27 -7.39 -2.43
N TYR A 94 -9.59 -7.21 -2.53
CA TYR A 94 -10.36 -7.53 -3.73
C TYR A 94 -11.28 -6.37 -4.09
N CYS A 95 -11.87 -6.44 -5.27
CA CYS A 95 -12.91 -5.50 -5.65
C CYS A 95 -13.90 -6.23 -6.51
N PHE A 96 -15.05 -5.63 -6.74
CA PHE A 96 -16.01 -6.18 -7.71
C PHE A 96 -16.08 -5.24 -8.90
N ILE A 97 -16.42 -5.77 -10.07
CA ILE A 97 -16.67 -4.96 -11.25
C ILE A 97 -18.00 -5.38 -11.85
N PRO A 98 -19.11 -4.81 -11.35
CA PRO A 98 -20.37 -5.07 -12.04
C PRO A 98 -20.41 -4.31 -13.33
N THR A 99 -20.86 -4.98 -14.40
CA THR A 99 -20.83 -4.43 -15.75
C THR A 99 -21.99 -4.89 -16.66
N GLU A 100 -22.43 -4.00 -17.55
CA GLU A 100 -23.54 -4.28 -18.48
C GLU A 100 -22.99 -4.87 -19.75
N ARG A 101 -21.75 -4.50 -20.05
CA ARG A 101 -20.92 -5.07 -21.12
C ARG A 101 -20.62 -6.54 -20.85
N ASP A 102 -20.65 -7.40 -21.88
CA ASP A 102 -20.32 -8.81 -21.64
C ASP A 102 -19.35 -9.45 -22.64
N ASP A 103 -18.83 -8.63 -23.54
CA ASP A 103 -17.86 -9.08 -24.52
C ASP A 103 -16.47 -9.13 -23.91
N ILE A 104 -16.28 -8.39 -22.83
CA ILE A 104 -14.94 -8.11 -22.33
C ILE A 104 -14.14 -9.31 -21.76
N PHE A 105 -14.72 -10.50 -21.73
CA PHE A 105 -13.96 -11.75 -21.55
C PHE A 105 -14.76 -12.82 -22.23
N SER A 106 -15.28 -12.47 -23.40
CA SER A 106 -16.16 -13.31 -24.21
C SER A 106 -15.51 -14.64 -24.61
N ALA A 107 -14.36 -14.55 -25.28
CA ALA A 107 -13.61 -15.70 -25.82
C ALA A 107 -12.99 -16.58 -24.71
N PRO A 108 -13.54 -17.80 -24.51
CA PRO A 108 -13.08 -18.64 -23.40
C PRO A 108 -11.72 -19.31 -23.62
N SER A 109 -10.65 -18.52 -23.66
CA SER A 109 -9.27 -19.03 -23.54
C SER A 109 -8.64 -18.35 -22.30
N PRO A 110 -8.17 -17.10 -22.44
CA PRO A 110 -7.61 -16.39 -23.59
C PRO A 110 -6.07 -16.44 -23.59
N ASP A 111 -5.41 -15.29 -23.75
CA ASP A 111 -3.94 -15.18 -23.67
C ASP A 111 -3.53 -13.96 -22.83
N ARG A 112 -2.34 -14.03 -22.24
CA ARG A 112 -1.92 -13.04 -21.23
C ARG A 112 -1.78 -11.60 -21.75
N LEU A 113 -1.93 -11.43 -23.06
CA LEU A 113 -1.96 -10.10 -23.66
C LEU A 113 -3.40 -9.63 -23.80
N GLU A 114 -4.30 -10.52 -24.21
CA GLU A 114 -5.73 -10.22 -24.23
C GLU A 114 -6.23 -9.92 -22.82
N LEU A 115 -5.54 -10.45 -21.81
CA LEU A 115 -5.88 -10.23 -20.39
C LEU A 115 -5.61 -8.83 -19.85
N ARG A 116 -4.33 -8.49 -19.64
CA ARG A 116 -3.94 -7.14 -19.20
C ARG A 116 -4.77 -6.05 -19.90
N GLU A 117 -5.04 -6.27 -21.19
CA GLU A 117 -5.97 -5.50 -22.00
C GLU A 117 -7.35 -5.39 -21.34
N GLY A 118 -8.08 -6.51 -21.32
CA GLY A 118 -9.42 -6.62 -20.73
C GLY A 118 -9.58 -6.09 -19.32
N TRP A 119 -8.67 -6.44 -18.41
CA TRP A 119 -8.72 -5.94 -17.04
C TRP A 119 -8.58 -4.43 -16.97
N ARG A 120 -7.62 -3.90 -17.73
CA ARG A 120 -7.36 -2.47 -17.83
C ARG A 120 -8.61 -1.76 -18.29
N LYS A 121 -9.27 -2.32 -19.30
CA LYS A 121 -10.54 -1.81 -19.76
C LYS A 121 -11.55 -1.72 -18.64
N LEU A 122 -11.58 -2.74 -17.77
CA LEU A 122 -12.65 -2.89 -16.77
C LEU A 122 -12.46 -2.17 -15.42
N LEU A 123 -11.22 -2.17 -14.92
CA LEU A 123 -10.91 -1.66 -13.57
C LEU A 123 -11.38 -0.22 -13.21
N PRO A 124 -11.41 0.71 -14.20
CA PRO A 124 -12.14 1.96 -14.02
C PRO A 124 -13.53 1.81 -13.39
N GLN A 125 -14.27 0.77 -13.77
CA GLN A 125 -15.60 0.55 -13.22
C GLN A 125 -15.61 -0.21 -11.89
N ALA A 126 -14.45 -0.61 -11.39
CA ALA A 126 -14.37 -1.37 -10.14
C ALA A 126 -14.94 -0.61 -8.94
N ILE A 127 -15.64 -1.35 -8.06
CA ILE A 127 -16.15 -0.81 -6.81
C ILE A 127 -15.60 -1.66 -5.65
N ALA A 128 -15.45 -1.08 -4.47
CA ALA A 128 -15.16 -1.89 -3.29
C ALA A 128 -16.42 -2.67 -2.94
N ASP A 129 -16.25 -3.67 -2.07
CA ASP A 129 -17.38 -4.46 -1.58
C ASP A 129 -18.14 -3.56 -0.64
N PRO A 130 -19.37 -3.20 -1.01
CA PRO A 130 -20.12 -2.28 -0.20
C PRO A 130 -20.56 -2.79 1.15
N LEU A 131 -20.42 -4.09 1.45
CA LEU A 131 -20.83 -4.60 2.77
C LEU A 131 -19.67 -4.86 3.70
N ASN A 132 -18.48 -4.85 3.14
CA ASN A 132 -17.26 -5.10 3.88
C ASN A 132 -16.86 -3.82 4.58
N PRO A 133 -16.76 -3.85 5.91
CA PRO A 133 -16.63 -2.59 6.62
C PRO A 133 -15.29 -1.87 6.37
N GLN A 134 -14.41 -2.45 5.56
CA GLN A 134 -13.09 -1.85 5.39
C GLN A 134 -12.64 -1.66 3.93
N SER A 135 -12.67 -0.43 3.45
CA SER A 135 -12.35 -0.18 2.06
C SER A 135 -11.53 1.08 1.85
N TRP A 136 -10.87 1.16 0.71
CA TRP A 136 -10.00 2.27 0.41
C TRP A 136 -9.67 2.33 -1.08
N LYS A 137 -9.00 3.42 -1.50
CA LYS A 137 -8.45 3.53 -2.84
C LYS A 137 -7.18 2.67 -2.99
N GLY A 138 -7.23 1.71 -3.90
CA GLY A 138 -6.14 0.76 -4.09
C GLY A 138 -4.83 1.32 -4.62
N GLY A 139 -3.80 0.48 -4.56
CA GLY A 139 -2.49 0.74 -5.16
C GLY A 139 -2.56 0.89 -6.67
N LEU A 140 -3.52 0.22 -7.30
CA LEU A 140 -3.74 0.35 -8.75
C LEU A 140 -4.82 1.39 -9.04
N GLY A 141 -5.08 2.25 -8.05
CA GLY A 141 -5.96 3.42 -8.20
C GLY A 141 -7.44 3.12 -8.39
N HIS A 142 -7.85 1.88 -8.09
CA HIS A 142 -9.26 1.49 -8.10
C HIS A 142 -9.59 1.02 -6.70
N ALA A 143 -10.84 1.25 -6.27
CA ALA A 143 -11.24 1.00 -4.89
C ALA A 143 -11.27 -0.50 -4.54
N VAL A 144 -10.87 -0.85 -3.32
CA VAL A 144 -10.76 -2.24 -2.91
C VAL A 144 -11.31 -2.47 -1.49
N SER A 145 -11.48 -3.73 -1.12
CA SER A 145 -11.85 -4.09 0.25
C SER A 145 -10.81 -5.04 0.86
N ALA A 146 -10.89 -5.24 2.18
CA ALA A 146 -9.95 -6.09 2.94
C ALA A 146 -10.31 -7.58 2.88
N LEU A 147 -9.31 -8.45 2.97
CA LEU A 147 -9.52 -9.89 3.15
C LEU A 147 -8.33 -10.55 3.81
N GLU A 148 -8.55 -11.07 5.00
CA GLU A 148 -7.50 -11.72 5.78
C GLU A 148 -7.88 -13.12 6.18
N MSE A 149 -7.10 -14.09 5.75
CA MSE A 149 -7.32 -15.44 6.24
C MSE A 149 -6.81 -15.58 7.68
O MSE A 149 -5.95 -14.80 8.11
CB MSE A 149 -6.74 -16.48 5.28
CG MSE A 149 -7.43 -16.49 3.92
SE MSE A 149 -9.37 -16.95 4.06
CE MSE A 149 -10.14 -15.18 4.37
N PRO A 150 -7.37 -16.54 8.46
CA PRO A 150 -7.12 -16.51 9.90
C PRO A 150 -5.68 -16.74 10.33
N GLN A 151 -4.84 -17.28 9.46
CA GLN A 151 -3.43 -17.48 9.80
C GLN A 151 -2.54 -16.50 9.06
N ALA A 152 -3.11 -15.37 8.64
CA ALA A 152 -2.33 -14.32 8.02
C ALA A 152 -1.30 -13.89 9.03
N PRO A 153 -0.03 -13.76 8.59
CA PRO A 153 1.05 -13.45 9.52
C PRO A 153 0.68 -12.24 10.33
N LEU A 154 0.95 -12.28 11.62
CA LEU A 154 0.80 -11.09 12.47
C LEU A 154 1.50 -9.86 11.83
N GLN A 155 0.84 -8.71 11.92
CA GLN A 155 1.44 -7.41 11.58
C GLN A 155 1.58 -6.54 12.83
N PRO A 156 2.81 -6.23 13.22
CA PRO A 156 3.10 -5.54 14.47
C PRO A 156 2.23 -4.29 14.68
N GLY A 157 1.62 -4.17 15.86
CA GLY A 157 0.82 -3.00 16.24
C GLY A 157 -0.64 -3.08 15.82
N TRP A 158 -0.88 -3.51 14.58
CA TRP A 158 -2.23 -3.56 14.02
C TRP A 158 -3.19 -4.37 14.85
N ASP A 159 -2.66 -5.36 15.56
N ASP A 159 -2.71 -5.37 15.58
CA ASP A 159 -3.41 -6.31 16.38
CA ASP A 159 -3.63 -6.23 16.29
C ASP A 159 -4.15 -5.71 17.58
C ASP A 159 -4.18 -5.71 17.62
N CYS A 160 -3.66 -4.58 18.10
CA CYS A 160 -4.29 -3.87 19.23
C CYS A 160 -3.92 -2.39 19.20
N PRO A 161 -4.67 -1.62 18.42
CA PRO A 161 -4.53 -0.17 18.42
C PRO A 161 -4.68 0.40 19.84
N GLN A 162 -4.09 1.56 20.10
CA GLN A 162 -4.37 2.29 21.35
C GLN A 162 -4.59 3.75 21.06
N ALA A 163 -5.63 4.33 21.66
CA ALA A 163 -5.95 5.71 21.43
C ALA A 163 -4.71 6.57 21.67
N PRO A 164 -4.33 7.41 20.67
CA PRO A 164 -3.22 8.33 20.87
C PRO A 164 -3.47 9.32 22.01
N GLU A 165 -2.42 9.75 22.71
CA GLU A 165 -2.56 10.74 23.77
C GLU A 165 -2.81 12.14 23.24
N ILE A 166 -1.97 12.56 22.28
CA ILE A 166 -2.21 13.81 21.56
C ILE A 166 -2.52 13.44 20.10
N PRO A 167 -3.70 13.86 19.60
CA PRO A 167 -4.07 13.58 18.21
C PRO A 167 -3.16 14.33 17.25
N ALA A 168 -3.13 13.91 15.99
CA ALA A 168 -2.30 14.54 14.97
C ALA A 168 -2.86 15.88 14.56
N LYS A 169 -1.99 16.84 14.26
CA LYS A 169 -2.46 18.14 13.76
C LYS A 169 -2.32 18.20 12.26
N GLU A 170 -3.40 18.55 11.57
CA GLU A 170 -3.37 18.72 10.14
C GLU A 170 -3.10 20.18 9.88
N ILE A 171 -2.08 20.47 9.09
CA ILE A 171 -1.89 21.83 8.64
C ILE A 171 -1.88 21.82 7.12
N ILE A 172 -2.10 22.98 6.51
CA ILE A 172 -2.00 23.04 5.09
C ILE A 172 -0.67 23.70 4.78
N TRP A 173 0.22 22.95 4.17
CA TRP A 173 1.52 23.45 3.74
C TRP A 173 1.43 24.05 2.35
N LYS A 174 1.59 25.37 2.27
CA LYS A 174 1.51 26.08 1.00
C LYS A 174 2.93 26.30 0.47
N SER A 175 3.43 25.35 -0.32
CA SER A 175 4.81 25.40 -0.79
C SER A 175 5.07 26.48 -1.82
N GLU A 176 6.13 27.23 -1.61
CA GLU A 176 6.42 28.31 -2.52
C GLU A 176 7.04 27.79 -3.80
N ARG A 177 8.02 26.90 -3.63
CA ARG A 177 8.69 26.30 -4.76
C ARG A 177 7.74 25.45 -5.63
N LEU A 178 7.06 24.47 -5.03
CA LEU A 178 6.12 23.61 -5.77
C LEU A 178 4.85 24.32 -6.22
N LYS A 179 4.67 25.57 -5.78
CA LYS A 179 3.50 26.38 -6.15
C LYS A 179 2.17 25.65 -6.03
N ASN A 180 2.02 24.88 -4.96
CA ASN A 180 0.74 24.27 -4.59
C ASN A 180 0.56 24.17 -3.06
N SER A 181 -0.59 23.67 -2.63
CA SER A 181 -0.88 23.47 -1.22
C SER A 181 -1.33 22.04 -0.97
N ARG A 182 -0.97 21.50 0.18
CA ARG A 182 -1.39 20.15 0.52
C ARG A 182 -1.55 20.04 2.02
N ARG A 183 -2.21 18.98 2.44
CA ARG A 183 -2.27 18.70 3.86
C ARG A 183 -0.98 18.06 4.36
N VAL A 184 -0.66 18.34 5.61
CA VAL A 184 0.39 17.63 6.27
C VAL A 184 -0.08 17.31 7.66
N TRP A 185 0.14 16.08 8.10
CA TRP A 185 -0.23 15.75 9.47
C TRP A 185 1.02 15.68 10.28
N ILE A 186 1.03 16.36 11.42
CA ILE A 186 2.15 16.29 12.33
C ILE A 186 1.67 15.54 13.54
N PHE A 187 2.31 14.41 13.82
CA PHE A 187 1.86 13.53 14.89
C PHE A 187 3.04 13.17 15.77
N THR A 188 2.86 13.23 17.09
CA THR A 188 3.97 12.92 17.98
C THR A 188 3.60 11.84 18.97
N THR A 189 4.60 11.22 19.54
CA THR A 189 4.38 9.97 20.18
C THR A 189 4.94 9.92 21.63
N GLY A 190 5.53 11.04 22.05
CA GLY A 190 6.10 11.25 23.39
C GLY A 190 6.50 12.72 23.56
N ASP A 191 6.85 13.13 24.79
CA ASP A 191 6.91 14.56 25.17
C ASP A 191 8.14 15.42 24.88
N VAL A 192 9.32 15.02 25.35
CA VAL A 192 10.45 15.94 25.23
C VAL A 192 11.85 15.27 25.24
N THR A 193 12.51 15.25 26.41
CA THR A 193 13.82 14.59 26.59
C THR A 193 14.90 15.14 25.63
N GLU A 196 15.33 13.92 22.61
CA GLU A 196 15.57 14.37 21.24
C GLU A 196 15.01 13.45 20.17
N ARG A 197 13.68 13.46 20.00
CA ARG A 197 12.98 12.45 19.19
C ARG A 197 13.35 12.41 17.69
N PRO A 198 13.46 11.20 17.14
CA PRO A 198 13.72 11.05 15.73
C PRO A 198 12.54 11.53 14.88
N LEU A 199 12.83 12.01 13.67
CA LEU A 199 11.82 12.39 12.69
C LEU A 199 11.55 11.25 11.72
N ALA A 200 10.28 10.99 11.41
CA ALA A 200 9.96 10.08 10.31
C ALA A 200 9.03 10.78 9.35
N VAL A 201 9.39 10.90 8.08
CA VAL A 201 8.41 11.38 7.11
C VAL A 201 7.86 10.24 6.26
N LEU A 202 6.54 10.18 6.18
CA LEU A 202 5.81 9.18 5.41
C LEU A 202 5.18 9.83 4.19
N LEU A 203 5.30 9.19 3.04
CA LEU A 203 4.71 9.71 1.83
C LEU A 203 3.36 9.08 1.64
N ASP A 204 2.49 9.75 0.88
CA ASP A 204 1.09 9.35 0.81
C ASP A 204 0.44 9.46 2.18
N GLY A 205 0.62 10.62 2.80
CA GLY A 205 0.12 10.87 4.13
C GLY A 205 -1.38 10.76 4.18
N GLU A 206 -2.08 11.28 3.17
CA GLU A 206 -3.54 11.21 3.20
C GLU A 206 -3.85 9.79 3.51
N PHE A 207 -3.19 8.87 2.81
CA PHE A 207 -3.59 7.50 2.96
C PHE A 207 -3.40 7.01 4.38
N TRP A 208 -2.21 7.25 4.93
CA TRP A 208 -1.89 6.76 6.29
C TRP A 208 -2.47 7.61 7.40
N ALA A 209 -3.05 8.75 7.08
CA ALA A 209 -3.71 9.55 8.09
C ALA A 209 -5.20 9.22 8.11
N GLN A 210 -5.72 8.80 6.96
CA GLN A 210 -7.15 8.79 6.73
C GLN A 210 -7.69 7.45 6.31
N SER A 211 -7.09 6.80 5.33
CA SER A 211 -7.66 5.53 4.86
C SER A 211 -7.30 4.39 5.82
N MSE A 212 -6.02 4.22 6.12
CA MSE A 212 -5.61 3.36 7.20
C MSE A 212 -4.94 4.21 8.25
O MSE A 212 -3.73 4.32 8.30
CB MSE A 212 -4.68 2.28 6.68
CG MSE A 212 -5.43 1.02 6.32
SE MSE A 212 -4.31 -0.04 5.18
CE MSE A 212 -5.67 -1.00 4.14
N PRO A 213 -5.74 4.85 9.11
CA PRO A 213 -5.12 5.75 10.08
C PRO A 213 -4.13 5.03 10.97
N VAL A 214 -2.91 5.49 10.87
CA VAL A 214 -1.77 4.84 11.47
C VAL A 214 -1.56 5.26 12.93
N TRP A 215 -2.38 6.17 13.46
CA TRP A 215 -2.09 6.72 14.77
C TRP A 215 -2.11 5.67 15.90
N PRO A 216 -3.24 4.96 16.09
CA PRO A 216 -3.27 4.09 17.27
C PRO A 216 -2.30 2.92 17.16
N VAL A 217 -1.81 2.67 15.94
CA VAL A 217 -0.87 1.58 15.70
C VAL A 217 0.50 2.00 16.17
N LEU A 218 0.98 3.14 15.69
CA LEU A 218 2.23 3.71 16.18
C LEU A 218 2.27 3.84 17.71
N THR A 219 1.13 4.24 18.29
CA THR A 219 0.98 4.42 19.73
C THR A 219 1.19 3.10 20.46
N SER A 220 0.37 2.11 20.13
CA SER A 220 0.53 0.73 20.60
C SER A 220 2.00 0.26 20.63
N LEU A 221 2.71 0.51 19.53
CA LEU A 221 4.09 0.07 19.41
C LEU A 221 5.03 0.93 20.23
N THR A 222 4.66 2.19 20.46
CA THR A 222 5.46 3.07 21.30
C THR A 222 5.28 2.74 22.78
N HIS A 223 4.05 2.37 23.17
N HIS A 223 4.06 2.36 23.17
CA HIS A 223 3.77 1.92 24.53
CA HIS A 223 3.79 1.92 24.54
C HIS A 223 4.59 0.66 24.81
C HIS A 223 4.52 0.62 24.84
N ARG A 224 4.54 -0.29 23.87
CA ARG A 224 5.31 -1.52 23.98
C ARG A 224 6.77 -1.28 23.59
N GLN A 225 7.15 -0.01 23.59
CA GLN A 225 8.53 0.44 23.32
C GLN A 225 9.30 -0.33 22.24
N GLN A 226 8.57 -0.74 21.22
CA GLN A 226 9.19 -1.21 20.02
C GLN A 226 9.49 -0.03 19.11
N LEU A 227 8.92 1.15 19.44
CA LEU A 227 9.30 2.38 18.76
C LEU A 227 9.56 3.50 19.77
N PRO A 228 10.57 4.33 19.51
CA PRO A 228 10.84 5.48 20.38
C PRO A 228 9.85 6.61 20.19
N PRO A 229 9.55 7.35 21.27
CA PRO A 229 8.93 8.66 21.10
C PRO A 229 9.53 9.32 19.88
N ALA A 230 8.66 9.69 18.94
CA ALA A 230 9.11 10.21 17.66
C ALA A 230 8.10 11.22 17.08
N VAL A 231 8.55 11.96 16.07
CA VAL A 231 7.75 12.93 15.38
C VAL A 231 7.53 12.34 14.02
N TYR A 232 6.26 12.26 13.60
CA TYR A 232 5.89 11.75 12.29
C TYR A 232 5.29 12.83 11.43
N VAL A 233 5.84 13.02 10.23
CA VAL A 233 5.28 13.98 9.28
C VAL A 233 4.68 13.23 8.07
N LEU A 234 3.35 13.26 7.95
CA LEU A 234 2.68 12.62 6.81
C LEU A 234 2.34 13.66 5.75
N ILE A 235 2.89 13.47 4.56
CA ILE A 235 2.78 14.45 3.51
C ILE A 235 1.76 14.04 2.45
N ASP A 236 0.67 14.80 2.37
CA ASP A 236 -0.39 14.59 1.38
C ASP A 236 0.31 14.58 0.03
N ALA A 237 0.24 13.45 -0.68
CA ALA A 237 0.36 13.47 -2.14
C ALA A 237 -0.95 14.16 -2.49
N ILE A 238 -1.03 14.97 -3.51
CA ILE A 238 -2.30 15.66 -3.65
C ILE A 238 -3.30 14.80 -4.40
N ASP A 239 -2.82 14.16 -5.45
CA ASP A 239 -3.63 13.30 -6.28
C ASP A 239 -2.67 12.59 -7.20
N THR A 240 -3.21 11.70 -8.02
CA THR A 240 -2.42 10.84 -8.93
C THR A 240 -1.40 11.54 -9.80
N THR A 241 -1.86 12.52 -10.57
CA THR A 241 -0.98 13.26 -11.45
C THR A 241 0.10 14.00 -10.65
N HIS A 242 -0.25 14.63 -9.52
CA HIS A 242 0.78 15.27 -8.70
C HIS A 242 1.75 14.22 -8.24
N ARG A 243 1.21 13.12 -7.74
CA ARG A 243 2.00 12.09 -7.13
C ARG A 243 3.02 11.61 -8.11
N ALA A 244 2.59 11.44 -9.36
CA ALA A 244 3.39 10.85 -10.41
C ALA A 244 4.46 11.83 -10.92
N HIS A 245 4.25 13.12 -10.69
CA HIS A 245 5.26 14.10 -11.05
C HIS A 245 6.22 14.33 -9.89
N GLU A 246 5.67 14.43 -8.68
CA GLU A 246 6.41 14.82 -7.50
C GLU A 246 7.18 13.69 -6.86
N LEU A 247 6.56 12.52 -6.71
CA LEU A 247 7.21 11.45 -5.99
C LEU A 247 8.44 10.83 -6.67
N PRO A 248 8.32 10.37 -7.93
CA PRO A 248 9.48 9.73 -8.55
C PRO A 248 10.57 10.70 -9.02
N CYS A 249 11.67 10.74 -8.26
CA CYS A 249 12.91 11.46 -8.61
C CYS A 249 12.77 12.91 -9.06
N ASN A 250 11.87 13.64 -8.39
CA ASN A 250 11.80 15.08 -8.49
C ASN A 250 12.63 15.71 -7.39
N ALA A 251 13.59 16.53 -7.80
CA ALA A 251 14.51 17.20 -6.90
C ALA A 251 13.82 18.35 -6.15
N ASP A 252 13.06 19.16 -6.90
CA ASP A 252 12.26 20.22 -6.31
C ASP A 252 11.42 19.72 -5.16
N PHE A 253 10.95 18.48 -5.26
CA PHE A 253 10.08 18.01 -4.21
C PHE A 253 10.82 17.98 -2.90
N TRP A 254 11.92 17.23 -2.87
CA TRP A 254 12.71 17.08 -1.66
C TRP A 254 13.41 18.35 -1.22
N LEU A 255 13.68 19.25 -2.17
CA LEU A 255 14.15 20.59 -1.82
C LEU A 255 13.10 21.29 -0.99
N ALA A 256 11.89 21.45 -1.53
CA ALA A 256 10.79 22.10 -0.81
C ALA A 256 10.59 21.50 0.57
N VAL A 257 10.50 20.17 0.68
CA VAL A 257 10.27 19.61 2.02
C VAL A 257 11.36 19.99 3.00
N GLN A 258 12.62 19.81 2.61
CA GLN A 258 13.73 20.19 3.48
C GLN A 258 13.73 21.67 3.80
N GLN A 259 13.57 22.51 2.78
CA GLN A 259 13.69 23.94 2.96
C GLN A 259 12.46 24.61 3.52
N GLU A 260 11.27 24.26 3.02
CA GLU A 260 10.04 24.92 3.46
C GLU A 260 9.34 24.16 4.58
N LEU A 261 9.18 22.86 4.41
CA LEU A 261 8.35 22.11 5.35
C LEU A 261 9.03 21.84 6.67
N LEU A 262 10.15 21.12 6.66
CA LEU A 262 10.75 20.63 7.90
C LEU A 262 11.18 21.70 8.89
N PRO A 263 11.66 22.84 8.41
CA PRO A 263 11.97 23.87 9.38
C PRO A 263 10.72 24.22 10.18
N LEU A 264 9.58 24.36 9.50
CA LEU A 264 8.32 24.63 10.17
C LEU A 264 8.02 23.54 11.20
N VAL A 265 8.01 22.30 10.75
CA VAL A 265 7.71 21.20 11.62
C VAL A 265 8.57 21.25 12.88
N LYS A 266 9.85 21.58 12.71
CA LYS A 266 10.81 21.58 13.82
C LYS A 266 10.34 22.51 14.92
N VAL A 267 9.90 23.70 14.51
CA VAL A 267 9.40 24.72 15.40
C VAL A 267 8.12 24.23 16.05
N ILE A 268 7.27 23.51 15.31
CA ILE A 268 6.02 22.97 15.88
C ILE A 268 6.27 21.81 16.84
N ALA A 269 6.99 20.78 16.41
CA ALA A 269 7.28 19.64 17.28
C ALA A 269 8.73 19.21 17.11
N PRO A 270 9.63 19.73 17.98
CA PRO A 270 11.07 19.56 17.80
C PRO A 270 11.53 18.11 17.62
N PHE A 271 12.48 17.94 16.69
CA PHE A 271 13.01 16.62 16.35
C PHE A 271 14.51 16.67 16.11
N SER A 272 15.19 15.56 16.34
CA SER A 272 16.65 15.45 16.22
C SER A 272 17.18 15.86 14.86
N ASP A 273 18.44 16.29 14.81
CA ASP A 273 19.05 16.70 13.55
C ASP A 273 19.86 15.64 12.87
N ARG A 274 19.92 14.47 13.49
CA ARG A 274 20.84 13.44 13.10
C ARG A 274 20.28 12.53 12.02
N ALA A 275 20.81 12.70 10.82
CA ALA A 275 20.38 11.92 9.67
C ALA A 275 20.20 10.48 10.03
N ASP A 276 21.09 9.94 10.86
CA ASP A 276 21.10 8.50 11.18
C ASP A 276 19.86 7.94 11.87
N ARG A 277 19.05 8.81 12.47
CA ARG A 277 17.74 8.41 13.02
C ARG A 277 16.51 9.01 12.26
N THR A 278 16.78 9.87 11.28
CA THR A 278 15.78 10.40 10.38
C THR A 278 15.36 9.37 9.32
N VAL A 279 14.05 9.13 9.18
CA VAL A 279 13.50 8.10 8.27
C VAL A 279 12.67 8.72 7.15
N VAL A 280 12.77 8.15 5.95
CA VAL A 280 11.82 8.47 4.89
C VAL A 280 11.13 7.16 4.49
N ALA A 281 9.81 7.11 4.62
CA ALA A 281 9.09 5.89 4.32
C ALA A 281 8.19 6.10 3.15
N GLY A 282 8.07 5.07 2.31
CA GLY A 282 7.13 5.13 1.22
C GLY A 282 6.89 3.79 0.56
N GLN A 283 5.73 3.66 -0.07
CA GLN A 283 5.38 2.50 -0.87
C GLN A 283 5.33 2.88 -2.35
N SER A 284 5.53 1.89 -3.22
CA SER A 284 5.60 2.10 -4.69
C SER A 284 6.39 3.36 -5.06
N PHE A 285 5.76 4.35 -5.68
CA PHE A 285 6.44 5.62 -5.96
C PHE A 285 7.03 6.24 -4.71
N GLY A 286 6.32 6.03 -3.60
CA GLY A 286 6.79 6.51 -2.31
C GLY A 286 8.06 5.81 -1.87
N GLY A 287 8.17 4.51 -2.16
CA GLY A 287 9.43 3.78 -1.91
C GLY A 287 10.58 4.31 -2.75
N LEU A 288 10.31 4.47 -4.05
CA LEU A 288 11.27 5.01 -5.00
C LEU A 288 11.68 6.39 -4.54
N SER A 289 10.72 7.24 -4.20
CA SER A 289 11.05 8.58 -3.70
C SER A 289 11.92 8.55 -2.44
N ALA A 290 11.56 7.67 -1.51
CA ALA A 290 12.28 7.56 -0.25
C ALA A 290 13.75 7.32 -0.58
N LEU A 291 14.02 6.34 -1.44
CA LEU A 291 15.40 5.97 -1.72
C LEU A 291 16.14 7.14 -2.36
N TYR A 292 15.49 7.74 -3.35
CA TYR A 292 16.06 8.85 -4.07
C TYR A 292 16.44 9.97 -3.12
N ALA A 293 15.65 10.13 -2.08
CA ALA A 293 15.87 11.22 -1.15
C ALA A 293 17.14 11.00 -0.36
N GLY A 294 17.25 9.81 0.24
CA GLY A 294 18.47 9.40 0.96
C GLY A 294 19.70 9.56 0.07
N LEU A 295 19.65 8.98 -1.12
CA LEU A 295 20.74 9.08 -2.09
C LEU A 295 21.27 10.49 -2.27
N HIS A 296 20.39 11.46 -2.47
CA HIS A 296 20.88 12.81 -2.73
C HIS A 296 21.10 13.68 -1.51
N TRP A 297 20.39 13.42 -0.43
CA TRP A 297 20.60 14.21 0.74
C TRP A 297 20.77 13.33 1.97
N PRO A 298 21.87 12.55 2.01
CA PRO A 298 22.01 11.57 3.09
C PRO A 298 22.33 12.26 4.42
N GLU A 299 22.73 13.52 4.36
CA GLU A 299 22.96 14.28 5.58
C GLU A 299 21.66 14.59 6.33
N ARG A 300 20.56 14.75 5.59
CA ARG A 300 19.25 14.96 6.18
C ARG A 300 18.51 13.65 6.38
N PHE A 301 18.71 12.71 5.48
CA PHE A 301 17.91 11.49 5.50
C PHE A 301 18.70 10.21 5.65
N GLY A 302 18.77 9.74 6.90
CA GLY A 302 19.60 8.61 7.24
C GLY A 302 19.03 7.27 6.89
N CYS A 303 17.72 7.12 7.02
CA CYS A 303 17.12 5.78 6.89
C CYS A 303 16.02 5.75 5.88
N VAL A 304 16.01 4.70 5.06
CA VAL A 304 15.02 4.51 4.03
C VAL A 304 14.21 3.25 4.28
N LEU A 305 12.90 3.37 4.12
CA LEU A 305 12.00 2.25 4.21
C LEU A 305 11.22 2.28 2.91
N SER A 306 11.63 1.44 1.96
CA SER A 306 10.99 1.38 0.66
C SER A 306 10.27 0.06 0.53
N GLN A 307 8.94 0.13 0.40
CA GLN A 307 8.10 -1.05 0.25
C GLN A 307 7.62 -1.02 -1.17
N SER A 308 7.79 -2.14 -1.88
CA SER A 308 7.34 -2.28 -3.26
C SER A 308 7.74 -1.09 -4.15
N GLY A 309 8.87 -0.48 -3.83
CA GLY A 309 9.35 0.69 -4.55
C GLY A 309 9.33 0.50 -6.05
N SER A 310 8.87 1.51 -6.77
CA SER A 310 8.69 1.43 -8.22
C SER A 310 9.99 1.74 -8.98
N TYR A 311 10.95 0.83 -8.89
CA TYR A 311 12.31 1.09 -9.38
C TYR A 311 12.52 1.01 -10.91
N TRP A 312 11.65 0.27 -11.58
N TRP A 312 11.65 0.25 -11.59
CA TRP A 312 11.59 0.28 -13.05
CA TRP A 312 11.59 0.24 -13.06
C TRP A 312 11.61 1.69 -13.62
C TRP A 312 11.26 1.61 -13.67
N TRP A 313 11.06 2.64 -12.86
CA TRP A 313 10.67 3.95 -13.36
C TRP A 313 11.73 4.63 -14.24
N PRO A 314 11.30 5.22 -15.37
CA PRO A 314 9.97 5.32 -15.96
C PRO A 314 9.59 4.23 -16.97
N HIS A 315 10.41 3.19 -17.10
CA HIS A 315 10.17 2.17 -18.12
C HIS A 315 9.33 1.01 -17.62
N ARG A 316 8.00 1.13 -17.79
CA ARG A 316 7.07 0.12 -17.33
C ARG A 316 7.28 -1.25 -18.03
N GLY A 317 7.48 -2.29 -17.22
CA GLY A 317 7.68 -3.65 -17.74
C GLY A 317 9.13 -4.14 -17.73
N GLY A 318 9.39 -5.14 -18.57
CA GLY A 318 10.72 -5.71 -18.71
C GLY A 318 11.59 -4.97 -19.72
N GLN A 319 11.17 -3.74 -20.06
CA GLN A 319 11.84 -2.91 -21.08
C GLN A 319 13.30 -2.62 -20.76
N GLN A 320 13.52 -1.54 -19.99
CA GLN A 320 14.86 -1.06 -19.67
C GLN A 320 14.94 -0.79 -18.16
N GLU A 321 16.12 -1.00 -17.57
CA GLU A 321 16.38 -0.67 -16.17
C GLU A 321 15.99 0.77 -15.78
N GLY A 322 15.60 0.97 -14.52
CA GLY A 322 15.15 2.29 -14.03
C GLY A 322 16.16 3.40 -14.06
N VAL A 323 15.68 4.64 -14.20
CA VAL A 323 16.53 5.82 -14.30
C VAL A 323 17.36 6.06 -13.04
N LEU A 324 16.95 5.43 -11.95
CA LEU A 324 17.73 5.46 -10.72
C LEU A 324 18.76 4.35 -10.75
N LEU A 325 18.37 3.16 -11.20
CA LEU A 325 19.29 2.05 -11.33
C LEU A 325 20.53 2.40 -12.16
N GLU A 326 20.34 3.16 -13.23
CA GLU A 326 21.44 3.52 -14.13
C GLU A 326 22.16 4.81 -13.77
N LYS A 327 21.52 5.64 -12.95
CA LYS A 327 22.16 6.82 -12.37
C LYS A 327 23.16 6.32 -11.33
N LEU A 328 22.89 5.12 -10.82
CA LEU A 328 23.79 4.42 -9.93
C LEU A 328 24.81 3.64 -10.73
N LYS A 329 24.33 2.83 -11.66
CA LYS A 329 25.18 2.01 -12.55
C LYS A 329 26.33 2.84 -13.11
N ALA A 330 26.01 3.96 -13.79
CA ALA A 330 27.01 4.95 -14.19
C ALA A 330 27.68 5.62 -12.97
N GLY A 331 27.78 4.83 -11.88
CA GLY A 331 28.51 5.18 -10.64
C GLY A 331 28.36 6.63 -10.24
N GLU A 332 27.19 7.20 -10.51
CA GLU A 332 27.00 8.63 -10.45
C GLU A 332 26.61 9.08 -9.03
N VAL A 333 25.33 8.96 -8.65
CA VAL A 333 24.91 9.16 -7.27
C VAL A 333 25.33 7.91 -6.48
N SER A 334 25.74 8.07 -5.23
CA SER A 334 26.13 6.91 -4.44
C SER A 334 25.36 6.81 -3.12
N ALA A 335 25.19 5.56 -2.67
CA ALA A 335 24.39 5.24 -1.48
C ALA A 335 25.23 5.25 -0.23
N GLU A 336 26.22 6.14 -0.22
CA GLU A 336 27.12 6.32 0.94
C GLU A 336 26.37 6.67 2.22
N GLY A 337 26.47 5.77 3.21
CA GLY A 337 26.01 6.04 4.58
C GLY A 337 24.54 6.32 4.74
N LEU A 338 23.72 5.33 4.34
CA LEU A 338 22.30 5.26 4.67
C LEU A 338 22.12 3.84 5.13
N ARG A 339 21.36 3.63 6.20
CA ARG A 339 20.81 2.30 6.51
C ARG A 339 19.43 2.24 5.87
N ILE A 340 19.04 1.10 5.32
CA ILE A 340 17.82 1.06 4.53
C ILE A 340 17.09 -0.29 4.53
N VAL A 341 15.76 -0.23 4.72
CA VAL A 341 14.87 -1.39 4.59
C VAL A 341 14.38 -1.44 3.16
N LEU A 342 14.58 -2.58 2.49
CA LEU A 342 14.21 -2.74 1.09
C LEU A 342 13.31 -3.96 0.88
N GLU A 343 12.00 -3.73 0.74
CA GLU A 343 11.03 -4.82 0.69
C GLU A 343 10.14 -4.82 -0.55
N ALA A 344 9.76 -6.03 -0.96
CA ALA A 344 8.83 -6.29 -2.05
C ALA A 344 8.22 -7.68 -1.86
N GLY A 345 7.06 -7.91 -2.47
CA GLY A 345 6.34 -9.17 -2.29
C GLY A 345 6.55 -10.07 -3.47
N ILE A 346 6.46 -11.38 -3.24
CA ILE A 346 6.64 -12.35 -4.33
C ILE A 346 5.54 -12.12 -5.33
N ARG A 347 4.33 -12.04 -4.79
CA ARG A 347 3.13 -12.01 -5.60
C ARG A 347 2.94 -10.66 -6.29
N GLU A 348 4.04 -10.00 -6.69
CA GLU A 348 3.90 -8.65 -7.23
C GLU A 348 4.61 -8.15 -8.52
N PRO A 349 5.11 -9.06 -9.37
CA PRO A 349 6.34 -9.85 -9.33
C PRO A 349 7.27 -9.10 -10.33
N MSE A 350 6.64 -8.19 -11.08
CA MSE A 350 7.24 -7.23 -11.99
C MSE A 350 8.11 -6.30 -11.18
O MSE A 350 9.20 -5.92 -11.60
CB MSE A 350 6.08 -6.42 -12.57
CG MSE A 350 6.23 -5.87 -13.96
SE MSE A 350 7.91 -5.04 -14.22
CE MSE A 350 8.67 -6.41 -15.46
N ILE A 351 7.59 -5.92 -10.01
CA ILE A 351 8.22 -4.99 -9.09
C ILE A 351 9.39 -5.67 -8.40
N MSE A 352 9.14 -6.90 -7.95
CA MSE A 352 10.18 -7.76 -7.38
C MSE A 352 11.47 -7.76 -8.21
O MSE A 352 12.55 -7.52 -7.69
CB MSE A 352 9.63 -9.17 -7.25
CG MSE A 352 10.59 -10.18 -6.69
SE MSE A 352 11.07 -9.79 -4.87
CE MSE A 352 12.85 -9.22 -5.12
N ARG A 353 11.30 -8.00 -9.50
CA ARG A 353 12.42 -8.05 -10.44
C ARG A 353 13.18 -6.75 -10.36
N ALA A 354 12.44 -5.66 -10.52
CA ALA A 354 13.00 -4.32 -10.42
C ALA A 354 13.74 -4.08 -9.11
N ASN A 355 13.32 -4.75 -8.04
CA ASN A 355 13.92 -4.56 -6.73
C ASN A 355 15.19 -5.36 -6.52
N GLN A 356 15.22 -6.62 -6.94
CA GLN A 356 16.48 -7.38 -6.85
C GLN A 356 17.53 -6.83 -7.81
N ALA A 357 17.07 -6.25 -8.92
CA ALA A 357 17.95 -5.51 -9.79
C ALA A 357 18.70 -4.46 -8.98
N LEU A 358 17.96 -3.62 -8.26
CA LEU A 358 18.51 -2.58 -7.36
C LEU A 358 19.42 -3.09 -6.24
N TYR A 359 19.04 -4.21 -5.63
CA TYR A 359 19.79 -4.82 -4.55
C TYR A 359 21.21 -5.14 -5.00
N ALA A 360 21.31 -5.72 -6.19
CA ALA A 360 22.60 -6.06 -6.79
C ALA A 360 23.43 -4.78 -6.99
N GLN A 361 22.83 -3.82 -7.69
CA GLN A 361 23.48 -2.55 -7.97
C GLN A 361 23.86 -1.75 -6.72
N LEU A 362 23.50 -2.26 -5.55
CA LEU A 362 23.98 -1.74 -4.26
C LEU A 362 24.87 -2.77 -3.55
N HIS A 363 25.83 -3.29 -4.32
N HIS A 363 25.86 -3.32 -4.26
CA HIS A 363 26.86 -4.19 -3.83
CA HIS A 363 26.79 -4.24 -3.62
C HIS A 363 27.70 -3.59 -2.68
C HIS A 363 27.71 -3.58 -2.58
N PRO A 364 28.02 -2.27 -2.76
CA PRO A 364 28.74 -1.57 -1.68
C PRO A 364 28.03 -1.68 -0.30
N ILE A 365 26.78 -1.23 -0.25
CA ILE A 365 26.03 -1.02 0.98
C ILE A 365 25.42 -2.32 1.51
N LYS A 366 25.44 -3.35 0.66
CA LYS A 366 24.89 -4.68 0.96
C LYS A 366 24.74 -5.05 2.45
N GLU A 367 25.65 -4.55 3.28
CA GLU A 367 25.71 -4.95 4.68
C GLU A 367 24.60 -4.28 5.52
N SER A 368 24.40 -2.98 5.30
CA SER A 368 23.48 -2.19 6.10
C SER A 368 22.08 -2.04 5.45
N ILE A 369 21.67 -3.06 4.68
CA ILE A 369 20.39 -3.09 4.01
C ILE A 369 19.61 -4.29 4.50
N PHE A 370 18.50 -4.07 5.20
CA PHE A 370 17.55 -5.15 5.49
C PHE A 370 16.83 -5.43 4.20
N TRP A 371 16.82 -6.69 3.79
CA TRP A 371 16.20 -7.04 2.53
C TRP A 371 15.15 -8.13 2.77
N ARG A 372 13.88 -7.83 2.50
CA ARG A 372 12.81 -8.80 2.77
C ARG A 372 11.97 -9.07 1.54
N GLN A 373 11.57 -10.33 1.38
CA GLN A 373 10.67 -10.73 0.30
C GLN A 373 9.44 -11.30 0.94
N VAL A 374 8.34 -10.56 0.90
CA VAL A 374 7.17 -10.98 1.67
C VAL A 374 6.12 -11.66 0.81
N ASP A 375 5.09 -12.19 1.47
CA ASP A 375 3.96 -12.85 0.81
C ASP A 375 2.95 -11.88 0.23
N GLY A 376 3.37 -10.63 0.09
CA GLY A 376 2.49 -9.55 -0.30
C GLY A 376 2.35 -9.39 -1.79
N GLY A 377 1.20 -8.84 -2.18
CA GLY A 377 1.04 -8.25 -3.50
C GLY A 377 1.33 -6.77 -3.31
N HIS A 378 0.94 -5.97 -4.30
CA HIS A 378 1.11 -4.52 -4.31
C HIS A 378 -0.09 -3.95 -3.59
N ASP A 379 -0.01 -3.84 -2.28
CA ASP A 379 -1.23 -3.75 -1.51
C ASP A 379 -1.06 -3.13 -0.15
N ALA A 380 -1.83 -2.06 0.09
CA ALA A 380 -1.90 -1.37 1.36
C ALA A 380 -2.07 -2.31 2.55
N LEU A 381 -2.84 -3.38 2.38
CA LEU A 381 -3.16 -4.28 3.49
C LEU A 381 -1.94 -5.07 3.97
N CYS A 382 -1.04 -5.42 3.05
CA CYS A 382 0.22 -6.01 3.43
C CYS A 382 1.15 -4.92 3.91
N TRP A 383 1.36 -3.90 3.08
CA TRP A 383 2.25 -2.79 3.40
C TRP A 383 2.21 -2.29 4.82
N ARG A 384 1.01 -2.26 5.40
CA ARG A 384 0.83 -1.65 6.72
C ARG A 384 1.64 -2.34 7.78
N GLY A 385 1.74 -3.66 7.67
CA GLY A 385 2.58 -4.46 8.55
C GLY A 385 4.03 -4.18 8.24
N GLY A 386 4.37 -4.14 6.97
CA GLY A 386 5.73 -3.88 6.58
C GLY A 386 6.19 -2.56 7.13
N LEU A 387 5.29 -1.57 7.02
CA LEU A 387 5.58 -0.20 7.39
C LEU A 387 6.00 -0.16 8.85
N MSE A 388 5.24 -0.85 9.69
CA MSE A 388 5.52 -0.85 11.10
C MSE A 388 6.89 -1.46 11.30
O MSE A 388 7.79 -0.84 11.87
CB MSE A 388 4.44 -1.60 11.86
CG MSE A 388 3.13 -0.84 11.91
SE MSE A 388 3.37 1.14 12.11
CE MSE A 388 3.90 1.21 13.87
N GLN A 389 7.01 -2.69 10.80
CA GLN A 389 8.23 -3.48 10.93
C GLN A 389 9.45 -2.67 10.57
N GLY A 390 9.48 -2.15 9.34
CA GLY A 390 10.59 -1.34 8.85
C GLY A 390 10.99 -0.26 9.82
N LEU A 391 9.99 0.39 10.39
CA LEU A 391 10.23 1.43 11.37
C LEU A 391 10.94 0.88 12.60
N ILE A 392 10.47 -0.26 13.11
CA ILE A 392 11.19 -0.92 14.19
C ILE A 392 12.68 -1.16 13.86
N ASP A 393 12.90 -1.75 12.69
CA ASP A 393 14.25 -2.15 12.30
C ASP A 393 15.20 -0.98 12.15
N LEU A 394 14.75 0.09 11.51
CA LEU A 394 15.57 1.29 11.35
C LEU A 394 15.90 1.91 12.69
N TRP A 395 15.00 1.81 13.66
CA TRP A 395 15.24 2.39 14.98
C TRP A 395 15.77 1.41 16.02
N GLN A 396 16.26 0.25 15.56
CA GLN A 396 17.01 -0.66 16.42
C GLN A 396 18.09 0.09 17.20
N PRO A 397 19.07 0.70 16.47
CA PRO A 397 20.15 1.53 17.04
C PRO A 397 19.81 2.38 18.25
N LEU A 398 18.57 2.82 18.38
CA LEU A 398 18.21 3.73 19.48
C LEU A 398 18.00 3.05 20.82
N PHE A 399 17.90 1.71 20.80
CA PHE A 399 17.97 0.90 22.02
C PHE A 399 19.35 0.20 22.11
N HIS A 400 20.42 1.00 22.17
CA HIS A 400 21.80 0.50 22.28
C HIS A 400 22.20 0.08 23.70
O1 TLA B . -8.82 -2.34 10.57
O11 TLA B . -8.80 -1.41 12.54
C1 TLA B . -9.13 -1.41 11.34
C2 TLA B . -9.92 -0.22 10.82
O2 TLA B . -10.25 0.62 11.95
C3 TLA B . -11.14 -0.57 9.88
O3 TLA B . -12.16 -1.41 10.47
C4 TLA B . -11.78 0.68 9.27
O4 TLA B . -11.06 1.66 8.96
O41 TLA B . -13.02 0.69 9.07
#